data_9Q72
#
_entry.id   9Q72
#
_cell.length_a   72.660
_cell.length_b   72.660
_cell.length_c   95.260
_cell.angle_alpha   90.00
_cell.angle_beta   90.00
_cell.angle_gamma   120.00
#
_symmetry.space_group_name_H-M   'P 31 2 1'
#
loop_
_entity.id
_entity.type
_entity.pdbx_description
1 polymer 'Eukaryotic translation initiation factor 4E type 5'
2 non-polymer 2-amino-9-[(2R,3R,4S,5R)-5-({[(R)-{[(R)-{[(S)-({(2R,3R,4R,5R)-3-{[(R)-{[(2R,3R,4R,5R)-3-{[(S)-{[(2R,3R,4R,5R)-5-(4-amino-2-oxopyrimidin-1(2H)-yl)-3-{[(S)-hydroxy{[(2R,3R,4R,5R)-3-hydroxy-4-methoxy-5-(3-methyl-2,4-dioxo-3,4-dihydropyrimidin-1(2H)-yl)tetrahydrofuran-2-yl]methoxy}phosphoryl]oxy}-4-methoxytetrahydrofuran-2-yl]methoxy}(hydroxy)phosphoryl]oxy}-5-(6-amino-9H-purin-9-yl)-4-methoxytetrahydrofuran-2-yl]methoxy}(hydroxy)phosphoryl]oxy}-5-[6-(dimethylamino)-9H-purin-9-yl]-4-methoxytetrahydrofuran-2-yl}methoxy)(hydroxy)phosphoryl]oxy}(hydroxy)phosphoryl]oxy}(hydroxy)phosphoryl]oxy}methyl)-3,4-dihydroxytetrahydrofuran-2-yl]-7-methyl-6-oxo-6,9-dihydro-3H-purin-7-ium
3 non-polymer IMIDAZOLE
4 non-polymer 'CHLORIDE ION'
5 non-polymer 'CALCIUM ION'
6 non-polymer 'MAGNESIUM ION'
7 water water
#
_entity_poly.entity_id   1
_entity_poly.type   'polypeptide(L)'
_entity_poly.pdbx_seq_one_letter_code
;MGSSHHHHHHSSGLVPRGSHMEEESHALKDPWFVSYIPQLTTEIVKNNYEGDWNLAKEALQQPLDYVRTVEEFWSTLNSL
PKLHQLESSSTFVFARNNVDASYEAFPNGTRIIVDIRKAAMAEKATAVILSSVIGESVSQEVCGGKPICDVLRLSSRPNK
ESPELVRLEVWLSDQTYGKAVLAYVRKALNDVGMSQPHVIFGESLFEKEKKKKGK
;
_entity_poly.pdbx_strand_id   A
#
# COMPACT_ATOMS: atom_id res chain seq x y z
N GLU A 24 -14.27 9.80 22.68
CA GLU A 24 -15.23 9.26 21.67
C GLU A 24 -14.45 8.94 20.40
N SER A 25 -13.81 7.77 20.42
CA SER A 25 -13.15 7.24 19.24
C SER A 25 -14.19 6.90 18.18
N HIS A 26 -13.73 6.85 16.94
CA HIS A 26 -14.52 6.50 15.78
C HIS A 26 -13.99 5.18 15.22
N ALA A 27 -14.80 4.11 15.28
CA ALA A 27 -14.32 2.81 14.85
C ALA A 27 -14.11 2.79 13.34
N LEU A 28 -13.06 2.12 12.91
CA LEU A 28 -12.90 1.75 11.51
C LEU A 28 -13.89 0.63 11.16
N LYS A 29 -14.26 0.56 9.89
CA LYS A 29 -15.12 -0.52 9.42
CA LYS A 29 -15.11 -0.52 9.39
C LYS A 29 -14.49 -1.88 9.69
N ASP A 30 -13.21 -2.01 9.41
CA ASP A 30 -12.39 -3.16 9.72
C ASP A 30 -11.10 -2.68 10.39
N PRO A 31 -10.53 -3.50 11.29
CA PRO A 31 -9.21 -3.24 11.80
C PRO A 31 -8.15 -3.59 10.75
N TRP A 32 -6.98 -2.92 10.84
CA TRP A 32 -5.89 -3.14 9.88
C TRP A 32 -4.63 -3.42 10.68
N PHE A 33 -4.00 -4.55 10.38
CA PHE A 33 -2.78 -4.94 11.05
C PHE A 33 -1.59 -4.32 10.33
N VAL A 34 -0.77 -3.57 11.06
CA VAL A 34 0.32 -2.78 10.51
C VAL A 34 1.63 -3.37 11.01
N SER A 35 2.55 -3.65 10.05
CA SER A 35 3.83 -4.21 10.36
C SER A 35 4.86 -3.72 9.36
N TYR A 36 6.11 -4.04 9.64
CA TYR A 36 7.16 -3.77 8.67
C TYR A 36 8.02 -5.00 8.45
N ILE A 37 8.49 -5.12 7.20
CA ILE A 37 9.22 -6.28 6.71
CA ILE A 37 9.27 -6.28 6.77
C ILE A 37 10.52 -5.79 6.08
N PRO A 38 11.62 -6.56 6.15
N PRO A 38 11.61 -6.56 6.21
CA PRO A 38 12.79 -6.16 5.37
CA PRO A 38 12.84 -6.32 5.43
C PRO A 38 12.56 -6.33 3.89
C PRO A 38 12.65 -6.47 3.93
N GLN A 39 13.50 -5.79 3.13
CA GLN A 39 13.50 -5.96 1.68
C GLN A 39 13.80 -7.43 1.38
N LEU A 40 13.03 -7.98 0.44
CA LEU A 40 13.20 -9.34 0.01
C LEU A 40 13.27 -9.42 -1.50
N THR A 41 13.69 -10.59 -1.99
CA THR A 41 13.72 -10.88 -3.42
C THR A 41 13.09 -12.24 -3.66
N THR A 42 12.69 -12.51 -4.89
CA THR A 42 12.16 -13.82 -5.26
C THR A 42 13.16 -14.90 -4.87
N GLU A 43 14.44 -14.68 -5.18
CA GLU A 43 15.44 -15.69 -4.89
C GLU A 43 15.60 -15.95 -3.40
N ILE A 44 15.61 -14.89 -2.58
CA ILE A 44 15.74 -15.05 -1.15
C ILE A 44 14.53 -15.81 -0.58
N VAL A 45 13.33 -15.48 -1.07
CA VAL A 45 12.13 -16.17 -0.60
C VAL A 45 12.11 -17.63 -1.06
N LYS A 46 12.55 -17.89 -2.30
CA LYS A 46 12.67 -19.25 -2.82
C LYS A 46 13.60 -20.07 -1.94
N ASN A 47 14.76 -19.48 -1.60
CA ASN A 47 15.81 -20.25 -0.99
C ASN A 47 15.67 -20.42 0.51
N ASN A 48 14.97 -19.51 1.19
CA ASN A 48 14.84 -19.53 2.63
C ASN A 48 13.42 -19.81 3.13
N TYR A 49 12.40 -19.48 2.34
CA TYR A 49 11.01 -19.52 2.80
C TYR A 49 10.13 -20.30 1.82
N GLU A 50 10.72 -21.26 1.09
N GLU A 50 10.71 -21.25 1.09
CA GLU A 50 9.94 -22.21 0.29
CA GLU A 50 9.93 -22.21 0.30
C GLU A 50 9.09 -21.49 -0.78
C GLU A 50 9.14 -21.52 -0.81
N GLY A 51 9.53 -20.30 -1.21
CA GLY A 51 8.78 -19.55 -2.21
C GLY A 51 7.52 -18.85 -1.69
N ASP A 52 7.32 -18.88 -0.37
CA ASP A 52 6.10 -18.36 0.22
C ASP A 52 6.34 -17.00 0.88
N TRP A 53 5.86 -15.96 0.18
CA TRP A 53 6.04 -14.61 0.64
C TRP A 53 5.28 -14.32 1.92
N ASN A 54 4.17 -15.03 2.14
CA ASN A 54 3.43 -14.83 3.38
C ASN A 54 4.19 -15.43 4.57
N LEU A 55 4.80 -16.62 4.37
CA LEU A 55 5.66 -17.19 5.37
C LEU A 55 6.82 -16.25 5.68
N ALA A 56 7.47 -15.70 4.62
CA ALA A 56 8.56 -14.75 4.84
C ALA A 56 8.09 -13.56 5.70
N LYS A 57 6.91 -13.04 5.39
CA LYS A 57 6.36 -11.93 6.18
C LYS A 57 6.14 -12.35 7.61
N GLU A 58 5.50 -13.50 7.83
CA GLU A 58 5.25 -13.95 9.20
C GLU A 58 6.56 -14.14 9.95
N ALA A 59 7.59 -14.67 9.26
CA ALA A 59 8.85 -14.97 9.89
C ALA A 59 9.67 -13.73 10.22
N LEU A 60 9.54 -12.69 9.40
CA LEU A 60 10.45 -11.54 9.46
C LEU A 60 9.81 -10.23 9.88
N GLN A 61 8.48 -10.13 9.86
CA GLN A 61 7.89 -8.84 10.15
C GLN A 61 8.06 -8.48 11.62
N GLN A 62 8.00 -7.17 11.86
CA GLN A 62 7.81 -6.64 13.21
C GLN A 62 6.49 -5.92 13.24
N PRO A 63 5.68 -6.19 14.29
N PRO A 63 5.56 -6.30 14.15
CA PRO A 63 4.40 -5.51 14.43
CA PRO A 63 4.31 -5.56 14.28
C PRO A 63 4.60 -4.04 14.77
C PRO A 63 4.55 -4.12 14.73
N LEU A 64 3.63 -3.23 14.32
CA LEU A 64 3.53 -1.85 14.78
C LEU A 64 2.26 -1.66 15.59
N ASP A 65 1.11 -2.04 15.04
CA ASP A 65 -0.16 -1.91 15.73
C ASP A 65 -1.24 -2.68 14.99
N TYR A 66 -2.35 -2.98 15.65
CA TYR A 66 -3.57 -3.43 15.00
C TYR A 66 -4.54 -2.27 15.16
N VAL A 67 -4.63 -1.41 14.12
CA VAL A 67 -5.39 -0.19 14.27
C VAL A 67 -6.89 -0.47 14.13
N ARG A 68 -7.67 0.08 15.09
CA ARG A 68 -9.09 -0.21 15.18
C ARG A 68 -9.96 1.04 15.11
N THR A 69 -9.36 2.24 15.20
CA THR A 69 -10.09 3.50 15.22
C THR A 69 -9.39 4.48 14.29
N VAL A 70 -10.12 5.53 13.91
CA VAL A 70 -9.56 6.61 13.10
C VAL A 70 -8.37 7.23 13.82
N GLU A 71 -8.50 7.48 15.13
CA GLU A 71 -7.44 8.06 15.92
C GLU A 71 -6.20 7.19 15.92
N GLU A 72 -6.37 5.88 16.07
CA GLU A 72 -5.24 4.98 16.06
C GLU A 72 -4.56 4.95 14.69
N PHE A 73 -5.36 4.96 13.62
CA PHE A 73 -4.81 5.02 12.28
C PHE A 73 -3.88 6.22 12.13
N TRP A 74 -4.35 7.40 12.50
CA TRP A 74 -3.51 8.56 12.31
C TRP A 74 -2.26 8.52 13.18
N SER A 75 -2.40 8.07 14.43
CA SER A 75 -1.27 7.94 15.35
C SER A 75 -0.20 7.04 14.75
N THR A 76 -0.63 5.87 14.26
CA THR A 76 0.33 4.93 13.71
C THR A 76 0.96 5.47 12.43
N LEU A 77 0.17 6.07 11.55
CA LEU A 77 0.72 6.59 10.32
C LEU A 77 1.74 7.68 10.62
N ASN A 78 1.42 8.56 11.59
CA ASN A 78 2.30 9.67 11.89
C ASN A 78 3.61 9.21 12.55
N SER A 79 3.62 8.01 13.12
CA SER A 79 4.79 7.44 13.77
C SER A 79 5.76 6.80 12.76
N LEU A 80 5.32 6.58 11.52
CA LEU A 80 6.18 5.89 10.56
C LEU A 80 7.39 6.75 10.20
N PRO A 81 8.50 6.10 9.79
CA PRO A 81 9.64 6.83 9.27
C PRO A 81 9.29 7.63 8.00
N LYS A 82 10.06 8.68 7.77
CA LYS A 82 9.98 9.47 6.55
C LYS A 82 10.70 8.70 5.45
N LEU A 83 9.94 7.94 4.66
CA LEU A 83 10.51 7.07 3.64
C LEU A 83 11.19 7.87 2.54
N HIS A 84 10.68 9.09 2.28
CA HIS A 84 11.25 10.01 1.31
C HIS A 84 12.58 10.62 1.77
N GLN A 85 12.98 10.36 3.02
CA GLN A 85 14.26 10.82 3.51
C GLN A 85 15.19 9.63 3.74
N LEU A 86 14.79 8.45 3.21
CA LEU A 86 15.63 7.27 3.21
C LEU A 86 15.88 6.83 4.65
N GLU A 87 14.88 6.99 5.53
CA GLU A 87 15.03 6.64 6.93
C GLU A 87 14.93 5.12 7.11
N SER A 88 14.35 4.41 6.12
CA SER A 88 14.21 2.97 6.24
C SER A 88 14.13 2.25 4.88
N SER A 89 14.68 1.03 4.82
N SER A 89 14.70 1.05 4.74
CA SER A 89 14.65 0.14 3.64
CA SER A 89 14.49 0.27 3.53
C SER A 89 13.48 -0.84 3.72
C SER A 89 13.63 -0.96 3.84
N SER A 90 12.75 -0.81 4.85
CA SER A 90 11.70 -1.76 5.11
C SER A 90 10.45 -1.39 4.31
N THR A 91 9.61 -2.37 4.11
CA THR A 91 8.29 -2.16 3.56
C THR A 91 7.31 -2.17 4.72
N PHE A 92 6.42 -1.20 4.76
CA PHE A 92 5.35 -1.14 5.75
C PHE A 92 4.08 -1.65 5.08
N VAL A 93 3.39 -2.53 5.81
CA VAL A 93 2.19 -3.18 5.31
C VAL A 93 1.02 -2.91 6.25
N PHE A 94 -0.12 -2.58 5.66
CA PHE A 94 -1.39 -2.43 6.32
C PHE A 94 -2.32 -3.47 5.74
N ALA A 95 -2.80 -4.42 6.59
CA ALA A 95 -3.57 -5.57 6.09
C ALA A 95 -4.95 -5.63 6.78
N ARG A 96 -5.99 -5.50 5.98
CA ARG A 96 -7.36 -5.53 6.48
C ARG A 96 -7.62 -6.87 7.16
N ASN A 97 -8.05 -6.84 8.42
CA ASN A 97 -8.32 -8.06 9.15
C ASN A 97 -7.14 -9.04 9.14
N ASN A 98 -5.93 -8.51 9.04
CA ASN A 98 -4.73 -9.35 9.04
C ASN A 98 -4.72 -10.39 7.91
N VAL A 99 -5.29 -10.04 6.76
CA VAL A 99 -5.20 -10.93 5.62
CA VAL A 99 -5.21 -10.95 5.64
C VAL A 99 -3.75 -11.18 5.26
N ASP A 100 -3.47 -12.37 4.70
CA ASP A 100 -2.17 -12.71 4.17
C ASP A 100 -1.78 -11.72 3.04
N ALA A 101 -0.58 -11.23 3.14
CA ALA A 101 -0.06 -10.25 2.18
C ALA A 101 0.94 -10.90 1.23
N SER A 102 0.44 -11.85 0.43
CA SER A 102 1.17 -12.44 -0.68
C SER A 102 0.27 -12.37 -1.90
N TYR A 103 0.90 -12.36 -3.07
CA TYR A 103 0.13 -12.38 -4.31
C TYR A 103 -0.77 -13.62 -4.34
N GLU A 104 -0.22 -14.74 -3.81
CA GLU A 104 -0.91 -16.00 -3.88
C GLU A 104 -2.21 -15.99 -3.06
N ALA A 105 -2.30 -15.11 -2.05
CA ALA A 105 -3.49 -14.91 -1.24
C ALA A 105 -4.48 -13.94 -1.87
N PHE A 106 -4.19 -13.49 -3.08
CA PHE A 106 -5.01 -12.58 -3.86
C PHE A 106 -5.23 -13.19 -5.25
N PRO A 107 -5.81 -14.39 -5.34
CA PRO A 107 -6.09 -15.00 -6.63
C PRO A 107 -7.02 -14.06 -7.43
N ASN A 108 -6.74 -13.84 -8.68
N ASN A 108 -6.71 -13.90 -8.70
CA ASN A 108 -7.60 -12.97 -9.48
CA ASN A 108 -7.40 -12.99 -9.60
C ASN A 108 -7.41 -11.49 -9.16
C ASN A 108 -7.48 -11.58 -9.03
N GLY A 109 -6.43 -11.16 -8.31
CA GLY A 109 -6.23 -9.78 -7.89
C GLY A 109 -5.28 -8.97 -8.78
N THR A 110 -5.07 -7.73 -8.36
CA THR A 110 -4.18 -6.81 -9.04
C THR A 110 -3.64 -5.81 -8.02
N ARG A 111 -2.50 -5.21 -8.37
CA ARG A 111 -1.95 -4.14 -7.55
C ARG A 111 -1.93 -2.84 -8.35
N ILE A 112 -2.39 -1.78 -7.69
CA ILE A 112 -2.24 -0.42 -8.17
CA ILE A 112 -2.24 -0.42 -8.18
C ILE A 112 -0.99 0.14 -7.51
N ILE A 113 -0.11 0.67 -8.35
CA ILE A 113 1.18 1.19 -7.93
C ILE A 113 1.15 2.71 -8.08
N VAL A 114 1.51 3.40 -6.99
CA VAL A 114 1.64 4.85 -7.02
C VAL A 114 3.07 5.19 -6.63
N ASP A 115 3.84 5.72 -7.60
CA ASP A 115 5.21 6.10 -7.36
C ASP A 115 5.25 7.61 -7.14
N ILE A 116 5.76 8.02 -6.00
CA ILE A 116 5.84 9.42 -5.65
CA ILE A 116 5.84 9.42 -5.62
C ILE A 116 7.29 9.84 -5.77
N ARG A 117 7.56 10.63 -6.81
CA ARG A 117 8.91 11.01 -7.12
CA ARG A 117 8.91 11.00 -7.14
C ARG A 117 9.35 12.21 -6.32
N LYS A 118 8.40 13.08 -5.94
CA LYS A 118 8.69 14.33 -5.26
C LYS A 118 8.60 14.18 -3.74
N ALA A 119 9.73 14.29 -3.05
CA ALA A 119 9.79 14.04 -1.61
C ALA A 119 8.81 14.89 -0.80
N ALA A 120 8.65 16.15 -1.19
CA ALA A 120 7.78 17.08 -0.46
C ALA A 120 6.30 16.71 -0.57
N MET A 121 5.96 15.74 -1.43
CA MET A 121 4.60 15.28 -1.58
C MET A 121 4.35 13.90 -0.95
N ALA A 122 5.40 13.21 -0.51
CA ALA A 122 5.24 11.82 -0.14
C ALA A 122 4.30 11.62 1.06
N GLU A 123 4.48 12.44 2.11
CA GLU A 123 3.67 12.22 3.31
C GLU A 123 2.19 12.47 3.00
N LYS A 124 1.88 13.54 2.28
CA LYS A 124 0.49 13.85 1.97
C LYS A 124 -0.11 12.83 1.01
N ALA A 125 0.66 12.40 0.00
CA ALA A 125 0.14 11.36 -0.88
C ALA A 125 -0.19 10.09 -0.11
N THR A 126 0.70 9.73 0.80
CA THR A 126 0.51 8.54 1.61
C THR A 126 -0.78 8.68 2.41
N ALA A 127 -0.95 9.82 3.06
CA ALA A 127 -2.14 10.06 3.86
C ALA A 127 -3.41 9.97 3.01
N VAL A 128 -3.39 10.57 1.83
CA VAL A 128 -4.57 10.55 0.98
C VAL A 128 -4.91 9.10 0.59
N ILE A 129 -3.93 8.37 0.10
CA ILE A 129 -4.20 7.03 -0.42
C ILE A 129 -4.64 6.10 0.72
N LEU A 130 -3.89 6.08 1.82
CA LEU A 130 -4.22 5.18 2.92
CA LEU A 130 -4.23 5.18 2.92
C LEU A 130 -5.60 5.53 3.51
N SER A 131 -5.85 6.83 3.75
CA SER A 131 -7.13 7.20 4.34
C SER A 131 -8.31 6.92 3.40
N SER A 132 -8.11 7.03 2.08
CA SER A 132 -9.16 6.77 1.12
CA SER A 132 -9.17 6.77 1.13
C SER A 132 -9.62 5.30 1.23
N VAL A 133 -8.69 4.39 1.47
CA VAL A 133 -9.00 2.98 1.56
C VAL A 133 -9.49 2.61 2.96
N ILE A 134 -8.71 2.96 3.97
CA ILE A 134 -9.02 2.55 5.34
C ILE A 134 -10.30 3.23 5.86
N GLY A 135 -10.59 4.43 5.36
CA GLY A 135 -11.81 5.11 5.68
C GLY A 135 -13.01 4.75 4.81
N GLU A 136 -12.80 3.80 3.88
CA GLU A 136 -13.85 3.17 3.09
C GLU A 136 -14.42 4.07 1.99
N SER A 137 -13.73 5.15 1.62
CA SER A 137 -14.19 5.94 0.49
C SER A 137 -14.09 5.13 -0.81
N VAL A 138 -12.98 4.40 -1.01
CA VAL A 138 -12.85 3.60 -2.24
C VAL A 138 -13.96 2.55 -2.27
N SER A 139 -14.16 1.82 -1.17
CA SER A 139 -15.19 0.79 -1.14
CA SER A 139 -15.17 0.77 -1.20
C SER A 139 -16.55 1.37 -1.53
N GLN A 140 -16.89 2.49 -0.90
CA GLN A 140 -18.22 3.09 -1.08
C GLN A 140 -18.41 3.68 -2.48
N GLU A 141 -17.38 4.38 -2.97
CA GLU A 141 -17.51 5.17 -4.18
CA GLU A 141 -17.51 5.19 -4.19
C GLU A 141 -17.16 4.40 -5.45
N VAL A 142 -16.39 3.32 -5.33
CA VAL A 142 -15.95 2.54 -6.47
C VAL A 142 -16.49 1.11 -6.47
N CYS A 143 -16.57 0.49 -5.30
CA CYS A 143 -16.75 -0.96 -5.20
C CYS A 143 -18.10 -1.35 -4.59
N GLY A 144 -19.08 -0.46 -4.66
CA GLY A 144 -20.43 -0.81 -4.25
C GLY A 144 -20.54 -1.21 -2.78
N GLY A 145 -19.61 -0.72 -1.94
CA GLY A 145 -19.57 -1.02 -0.51
C GLY A 145 -18.90 -2.35 -0.17
N LYS A 146 -18.39 -3.06 -1.17
CA LYS A 146 -17.70 -4.33 -0.93
C LYS A 146 -16.25 -4.02 -0.61
N PRO A 147 -15.60 -4.69 0.37
CA PRO A 147 -14.18 -4.52 0.63
C PRO A 147 -13.37 -5.26 -0.43
N ILE A 148 -12.68 -4.52 -1.27
CA ILE A 148 -11.85 -5.07 -2.34
C ILE A 148 -10.36 -4.80 -2.10
N CYS A 149 -10.06 -3.59 -1.61
CA CYS A 149 -8.68 -3.22 -1.34
C CYS A 149 -8.32 -3.68 0.05
N ASP A 150 -7.49 -4.73 0.15
CA ASP A 150 -7.26 -5.39 1.42
C ASP A 150 -5.83 -5.27 1.96
N VAL A 151 -4.86 -4.87 1.11
CA VAL A 151 -3.49 -4.65 1.55
C VAL A 151 -3.02 -3.32 0.96
N LEU A 152 -2.31 -2.57 1.80
CA LEU A 152 -1.60 -1.35 1.37
C LEU A 152 -0.14 -1.53 1.77
N ARG A 153 0.77 -1.16 0.87
CA ARG A 153 2.17 -1.25 1.17
C ARG A 153 2.85 0.08 0.86
N LEU A 154 3.91 0.34 1.59
N LEU A 154 3.82 0.42 1.71
CA LEU A 154 4.63 1.60 1.45
CA LEU A 154 4.63 1.63 1.55
C LEU A 154 6.11 1.35 1.67
C LEU A 154 6.09 1.19 1.57
N SER A 155 6.92 1.75 0.67
CA SER A 155 8.34 1.44 0.63
CA SER A 155 8.34 1.49 0.73
C SER A 155 9.14 2.59 0.03
N SER A 156 10.40 2.71 0.44
CA SER A 156 11.39 3.51 -0.29
CA SER A 156 11.37 3.52 -0.29
C SER A 156 11.90 2.71 -1.48
N ARG A 157 11.86 3.29 -2.69
CA ARG A 157 12.28 2.57 -3.91
C ARG A 157 13.07 3.52 -4.81
N PRO A 158 14.24 4.07 -4.34
CA PRO A 158 15.01 4.98 -5.15
C PRO A 158 15.53 4.33 -6.43
N ASN A 159 15.66 5.15 -7.48
CA ASN A 159 16.35 4.75 -8.70
C ASN A 159 17.10 5.98 -9.19
N LYS A 160 17.88 5.81 -10.27
CA LYS A 160 18.79 6.84 -10.75
C LYS A 160 18.01 8.07 -11.19
N GLU A 161 16.82 7.87 -11.75
CA GLU A 161 16.00 8.98 -12.20
C GLU A 161 15.36 9.71 -11.03
N SER A 162 15.02 8.96 -9.98
CA SER A 162 14.15 9.41 -8.89
C SER A 162 14.72 8.96 -7.55
N PRO A 163 15.75 9.64 -6.99
CA PRO A 163 16.47 9.10 -5.83
C PRO A 163 15.73 9.12 -4.50
N GLU A 164 14.53 9.74 -4.43
CA GLU A 164 13.76 9.79 -3.19
C GLU A 164 12.38 9.13 -3.36
N LEU A 165 12.25 8.31 -4.39
CA LEU A 165 10.97 7.77 -4.76
C LEU A 165 10.42 6.91 -3.59
N VAL A 166 9.15 7.13 -3.30
CA VAL A 166 8.37 6.29 -2.39
C VAL A 166 7.31 5.61 -3.24
N ARG A 167 7.15 4.32 -2.99
CA ARG A 167 6.18 3.51 -3.71
C ARG A 167 5.06 3.08 -2.77
N LEU A 168 3.83 3.41 -3.15
CA LEU A 168 2.62 3.01 -2.47
CA LEU A 168 2.68 2.92 -2.43
C LEU A 168 1.93 1.97 -3.34
N GLU A 169 1.45 0.88 -2.75
CA GLU A 169 0.72 -0.12 -3.49
C GLU A 169 -0.63 -0.34 -2.82
N VAL A 170 -1.65 -0.52 -3.64
CA VAL A 170 -2.99 -0.86 -3.21
C VAL A 170 -3.31 -2.21 -3.84
N TRP A 171 -3.48 -3.26 -3.01
CA TRP A 171 -3.75 -4.60 -3.48
C TRP A 171 -5.26 -4.88 -3.44
N LEU A 172 -5.80 -5.26 -4.59
CA LEU A 172 -7.20 -5.56 -4.80
C LEU A 172 -7.39 -7.06 -4.96
N SER A 173 -8.44 -7.58 -4.29
CA SER A 173 -8.81 -8.98 -4.39
C SER A 173 -9.50 -9.30 -5.72
N ASP A 174 -9.97 -8.31 -6.47
CA ASP A 174 -10.72 -8.54 -7.68
C ASP A 174 -10.23 -7.57 -8.75
N GLN A 175 -9.54 -8.11 -9.77
CA GLN A 175 -8.91 -7.32 -10.79
C GLN A 175 -9.91 -6.51 -11.61
N THR A 176 -11.19 -6.89 -11.61
CA THR A 176 -12.16 -6.16 -12.42
C THR A 176 -12.40 -4.74 -11.91
N TYR A 177 -11.97 -4.45 -10.68
CA TYR A 177 -12.08 -3.10 -10.13
C TYR A 177 -10.81 -2.26 -10.31
N GLY A 178 -9.76 -2.84 -10.87
CA GLY A 178 -8.46 -2.18 -10.91
C GLY A 178 -8.48 -0.83 -11.63
N LYS A 179 -9.03 -0.77 -12.83
N LYS A 179 -9.06 -0.78 -12.83
CA LYS A 179 -8.99 0.47 -13.59
CA LYS A 179 -9.04 0.43 -13.65
C LYS A 179 -9.77 1.55 -12.83
C LYS A 179 -9.85 1.54 -12.98
N ALA A 180 -10.91 1.18 -12.27
CA ALA A 180 -11.75 2.15 -11.57
C ALA A 180 -11.13 2.64 -10.27
N VAL A 181 -10.45 1.75 -9.53
CA VAL A 181 -9.75 2.16 -8.34
C VAL A 181 -8.60 3.09 -8.70
N LEU A 182 -7.83 2.73 -9.72
CA LEU A 182 -6.74 3.60 -10.17
C LEU A 182 -7.28 4.99 -10.49
N ALA A 183 -8.35 5.05 -11.27
CA ALA A 183 -8.89 6.35 -11.65
C ALA A 183 -9.32 7.17 -10.44
N TYR A 184 -9.92 6.51 -9.47
CA TYR A 184 -10.38 7.20 -8.26
C TYR A 184 -9.21 7.75 -7.47
N VAL A 185 -8.18 6.94 -7.25
CA VAL A 185 -7.03 7.37 -6.46
CA VAL A 185 -7.07 7.42 -6.43
C VAL A 185 -6.26 8.47 -7.19
N ARG A 186 -6.15 8.35 -8.52
CA ARG A 186 -5.50 9.38 -9.32
C ARG A 186 -6.23 10.71 -9.15
N LYS A 187 -7.55 10.69 -9.32
CA LYS A 187 -8.32 11.92 -9.15
C LYS A 187 -8.15 12.49 -7.74
N ALA A 188 -8.15 11.61 -6.72
CA ALA A 188 -7.98 12.08 -5.37
C ALA A 188 -6.67 12.83 -5.17
N LEU A 189 -5.61 12.27 -5.72
CA LEU A 189 -4.30 12.94 -5.64
C LEU A 189 -4.26 14.22 -6.47
N ASN A 190 -4.77 14.16 -7.69
CA ASN A 190 -4.76 15.31 -8.55
C ASN A 190 -5.48 16.47 -7.89
N ASP A 191 -6.59 16.19 -7.20
CA ASP A 191 -7.40 17.22 -6.60
C ASP A 191 -6.69 17.97 -5.49
N VAL A 192 -5.67 17.38 -4.87
CA VAL A 192 -4.95 18.03 -3.80
C VAL A 192 -3.50 18.33 -4.20
N GLY A 193 -3.29 18.53 -5.50
CA GLY A 193 -2.04 19.07 -5.99
C GLY A 193 -1.00 18.11 -6.48
N MET A 194 -1.35 16.83 -6.67
CA MET A 194 -0.36 15.80 -6.98
C MET A 194 -0.74 15.11 -8.28
N SER A 195 0.06 15.36 -9.32
CA SER A 195 -0.12 14.78 -10.62
C SER A 195 1.25 14.48 -11.23
N GLN A 196 1.25 13.74 -12.34
N GLN A 196 1.22 13.83 -12.40
CA GLN A 196 2.44 13.61 -13.17
CA GLN A 196 2.44 13.71 -13.18
C GLN A 196 3.07 14.99 -13.38
C GLN A 196 3.08 15.07 -13.35
N PRO A 197 4.41 15.18 -13.34
CA PRO A 197 5.39 14.11 -13.21
C PRO A 197 5.78 13.76 -11.78
N HIS A 198 5.12 14.37 -10.80
CA HIS A 198 5.48 14.15 -9.40
C HIS A 198 5.02 12.81 -8.86
N VAL A 199 3.93 12.29 -9.45
CA VAL A 199 3.40 10.98 -9.12
CA VAL A 199 3.40 10.98 -9.13
C VAL A 199 3.11 10.27 -10.44
N ILE A 200 3.32 8.95 -10.43
N ILE A 200 3.25 8.95 -10.44
CA ILE A 200 3.11 8.04 -11.56
CA ILE A 200 2.89 8.16 -11.60
C ILE A 200 2.18 6.92 -11.07
C ILE A 200 2.23 6.86 -11.13
N PHE A 201 1.25 6.46 -11.93
CA PHE A 201 0.34 5.38 -11.59
C PHE A 201 0.57 4.22 -12.53
N GLY A 202 0.43 3.01 -11.99
CA GLY A 202 0.45 1.81 -12.78
C GLY A 202 -0.42 0.74 -12.17
N GLU A 203 -0.61 -0.31 -12.95
CA GLU A 203 -1.35 -1.46 -12.53
C GLU A 203 -0.54 -2.69 -12.94
N SER A 204 -0.53 -3.68 -12.04
CA SER A 204 0.15 -4.93 -12.30
C SER A 204 -0.69 -6.09 -11.80
N LEU A 205 -1.20 -6.92 -12.72
CA LEU A 205 -1.97 -8.11 -12.36
C LEU A 205 -1.05 -9.06 -11.63
N PHE A 206 -1.56 -9.72 -10.58
CA PHE A 206 -0.71 -10.66 -9.87
C PHE A 206 -0.32 -11.85 -10.77
N GLU A 207 -1.25 -12.33 -11.60
CA GLU A 207 -0.99 -13.51 -12.40
C GLU A 207 0.14 -13.24 -13.40
N LYS A 208 0.23 -12.04 -13.96
CA LYS A 208 1.31 -11.66 -14.86
C LYS A 208 2.65 -11.62 -14.11
N GLU A 209 2.73 -10.85 -13.01
CA GLU A 209 3.96 -10.70 -12.25
C GLU A 209 4.54 -12.06 -11.85
N LYS A 210 3.70 -12.90 -11.21
CA LYS A 210 4.08 -14.23 -10.76
C LYS A 210 4.79 -15.01 -11.87
#